data_8HG7
#
_entry.id   8HG7
#
_cell.length_a   1.00
_cell.length_b   1.00
_cell.length_c   1.00
_cell.angle_alpha   90.00
_cell.angle_beta   90.00
_cell.angle_gamma   90.00
#
_symmetry.space_group_name_H-M   'P 1'
#
loop_
_entity.id
_entity.type
_entity.pdbx_description
1 polymer 'Sodium/glucose cotransporter 2'
2 polymer 'PDZK1-interacting protein 1'
3 non-polymer 2-acetamido-2-deoxy-beta-D-glucopyranose
4 non-polymer (2S,3R,4R,5S,6R)-2-[4-chloranyl-3-[(4-ethoxyphenyl)methyl]phenyl]-6-methylsulfanyl-oxane-3,4,5-triol
5 non-polymer 'SODIUM ION'
6 water water
#
loop_
_entity_poly.entity_id
_entity_poly.type
_entity_poly.pdbx_seq_one_letter_code
_entity_poly.pdbx_strand_id
1 'polypeptide(L)'
;GPGSMEEHTEAGSAPEMGAQKALIDNPADILVIAAYFLLVIGVGLWSMCRTNRGTVGGYFLAGRSMVWWPVGASLFASNI
GSGHFVGLAGTGAASGLAVAGFEWNALFVVLLLGWLFAPVYLTAGVITMPQYLRKRFGGRRIRLYLSVLSLFLYIFTKIS
VDMFSGAVFIQQALGWNIYASVIALLGITMIYTVTGGLAALMYTDTVQTFVILGGACILMGYAFHEVGGYSGLFDKYLGA
ATSLTVSEDPAVGNISSFCYRPRPDSYHLLRHPVTGDLPWPALLLGLTIVSGWYWCSDQVIVQRCLAGKSLTHIKAGCIL
CGYLKLTPMFLMVMPGMISRILYPDEVACVVPEVCRRVCGTEVGCSNIAYPRLVVKLMPNGLRGLMLAVMLAALMSSLAS
IFNSSSTLFTMDIYTRLRPRAGDRELLLVGRLWVVFIVVVSVAWLPVVQAAQGGQLFDYIQAVSSYLAPPVSAVFVLALF
VPRVNEQGAFWGLIGGLLMGLARLIPEFSFGSGSCVQPSACPAFLCGVHYLYFAIVLFFCSGLLTLTVSLCTAPIPRKHL
HRLVFSLRHSKEEREDLDADEQQGSSLPVQNGCPESAMEMNEPQAPAPSLFRQCLLWFCGMSRGGVGSPPPLTQEEAAAA
ARRLEDISEDPSWARVVNLNALLMMAVAVFLWGFYA
;
A
2 'polypeptide(L)'
;MSALSLLILGLLTAVPPASCQQGLGNLQPWMQGLIAVAVFLVLVAIAFAVNHFWCQEEPEPAHMILTVGNKADGVLVGTD
GRYSSMAASFRSSEHENAYENVPEEEGKVRSTPM
;
B
#
# COMPACT_ATOMS: atom_id res chain seq x y z
N ASP A 25 -3.62 16.45 28.07
CA ASP A 25 -3.71 17.55 29.12
C ASP A 25 -2.37 18.28 29.36
N ASN A 26 -1.23 17.81 28.82
CA ASN A 26 0.10 18.41 29.06
C ASN A 26 0.31 19.62 28.16
N PRO A 27 0.91 20.70 28.70
CA PRO A 27 1.14 21.92 27.92
C PRO A 27 1.91 21.50 26.67
N ALA A 28 2.93 20.67 26.89
CA ALA A 28 3.86 20.33 25.80
C ALA A 28 3.10 19.59 24.70
N ASP A 29 2.36 18.55 25.06
CA ASP A 29 1.61 17.78 24.05
C ASP A 29 0.78 18.74 23.20
N ILE A 30 0.07 19.66 23.83
CA ILE A 30 -0.91 20.49 23.09
C ILE A 30 -0.11 21.42 22.14
N LEU A 31 0.97 22.04 22.63
CA LEU A 31 1.84 22.89 21.77
C LEU A 31 2.40 22.08 20.59
N VAL A 32 2.84 20.86 20.79
CA VAL A 32 3.47 20.01 19.73
C VAL A 32 2.40 19.61 18.73
N ILE A 33 1.16 19.42 19.17
CA ILE A 33 0.06 19.12 18.23
C ILE A 33 -0.24 20.38 17.41
N ALA A 34 -0.10 21.59 17.92
CA ALA A 34 -0.50 22.78 17.11
C ALA A 34 0.68 23.32 16.31
N ALA A 35 1.91 23.04 16.65
CA ALA A 35 3.07 23.28 15.76
C ALA A 35 2.92 22.43 14.50
N TYR A 36 2.44 21.21 14.64
CA TYR A 36 2.22 20.28 13.50
C TYR A 36 1.14 20.86 12.60
N PHE A 37 0.07 21.35 13.19
CA PHE A 37 -1.06 21.94 12.40
C PHE A 37 -0.60 23.22 11.69
N LEU A 38 0.20 24.04 12.36
CA LEU A 38 0.81 25.25 11.73
C LEU A 38 1.70 24.87 10.55
N LEU A 39 2.50 23.81 10.64
CA LEU A 39 3.29 23.35 9.45
C LEU A 39 2.36 22.99 8.30
N VAL A 40 1.28 22.26 8.60
CA VAL A 40 0.41 21.66 7.55
C VAL A 40 -0.35 22.79 6.87
N ILE A 41 -0.95 23.70 7.64
CA ILE A 41 -1.59 24.95 7.13
C ILE A 41 -0.56 25.81 6.38
N GLY A 42 0.62 26.06 6.93
CA GLY A 42 1.71 26.85 6.31
C GLY A 42 2.11 26.37 4.92
N VAL A 43 2.30 25.07 4.74
CA VAL A 43 2.76 24.53 3.43
C VAL A 43 1.57 24.43 2.48
N GLY A 44 0.37 24.14 2.97
CA GLY A 44 -0.87 24.24 2.19
C GLY A 44 -1.06 25.63 1.60
N LEU A 45 -0.94 26.66 2.44
CA LEU A 45 -1.12 28.07 2.00
C LEU A 45 -0.04 28.45 0.99
N TRP A 46 1.21 28.04 1.21
CA TRP A 46 2.31 28.37 0.26
C TRP A 46 1.99 27.73 -1.09
N SER A 47 1.50 26.49 -1.08
CA SER A 47 1.24 25.73 -2.33
C SER A 47 0.07 26.33 -3.12
N MET A 48 -1.01 26.70 -2.45
CA MET A 48 -2.18 27.30 -3.13
C MET A 48 -1.82 28.69 -3.66
N CYS A 49 -1.00 29.45 -2.92
CA CYS A 49 -0.48 30.77 -3.37
C CYS A 49 0.42 30.61 -4.60
N ARG A 50 1.13 29.47 -4.74
CA ARG A 50 2.00 29.18 -5.90
C ARG A 50 1.14 28.69 -7.11
N THR A 51 0.46 27.55 -6.98
CA THR A 51 -0.07 26.73 -8.12
C THR A 51 -1.45 27.20 -8.59
N ASN A 52 -1.87 26.78 -9.79
CA ASN A 52 -3.17 27.13 -10.43
C ASN A 52 -4.14 25.95 -10.27
N ARG A 53 -5.29 26.17 -9.64
CA ARG A 53 -6.31 25.12 -9.34
C ARG A 53 -7.63 25.48 -10.03
N GLY A 54 -7.62 26.42 -10.97
CA GLY A 54 -8.78 26.76 -11.81
C GLY A 54 -8.92 25.81 -12.99
N THR A 55 -7.90 25.01 -13.31
CA THR A 55 -7.93 24.02 -14.42
C THR A 55 -7.90 22.60 -13.87
N VAL A 56 -8.35 21.66 -14.69
CA VAL A 56 -8.37 20.19 -14.44
C VAL A 56 -6.94 19.71 -14.32
N GLY A 57 -6.08 20.14 -15.23
CA GLY A 57 -4.67 19.76 -15.18
C GLY A 57 -4.09 20.11 -13.83
N GLY A 58 -4.36 21.31 -13.37
CA GLY A 58 -3.67 21.86 -12.20
C GLY A 58 -4.17 21.16 -10.96
N TYR A 59 -5.49 21.22 -10.78
CA TYR A 59 -6.18 20.63 -9.61
C TYR A 59 -5.99 19.13 -9.56
N PHE A 60 -5.97 18.43 -10.68
CA PHE A 60 -5.89 16.96 -10.64
C PHE A 60 -4.46 16.47 -10.82
N LEU A 61 -3.56 17.14 -11.51
CA LEU A 61 -2.23 16.55 -11.80
C LEU A 61 -1.09 17.50 -11.46
N ALA A 62 -1.31 18.46 -10.57
CA ALA A 62 -0.30 19.40 -10.09
C ALA A 62 0.31 20.21 -11.24
N GLY A 63 -0.40 20.34 -12.36
CA GLY A 63 0.15 21.02 -13.55
C GLY A 63 1.28 20.25 -14.23
N ARG A 64 1.46 18.99 -13.84
CA ARG A 64 2.62 18.20 -14.34
C ARG A 64 3.85 19.03 -13.96
N SER A 65 4.15 19.15 -12.66
CA SER A 65 5.25 20.10 -12.31
C SER A 65 6.07 19.69 -11.11
N MET A 66 5.99 18.45 -10.66
CA MET A 66 6.56 18.07 -9.34
C MET A 66 7.92 17.44 -9.57
N VAL A 67 8.81 17.70 -8.67
CA VAL A 67 10.22 17.25 -8.78
C VAL A 67 10.38 16.05 -7.85
N TRP A 68 11.59 15.57 -7.81
CA TRP A 68 11.85 14.21 -7.34
C TRP A 68 11.38 14.08 -5.88
N TRP A 69 11.69 15.07 -5.06
CA TRP A 69 11.51 14.95 -3.59
C TRP A 69 10.01 15.00 -3.32
N PRO A 70 9.19 15.92 -3.84
CA PRO A 70 7.74 15.80 -3.67
C PRO A 70 7.30 14.41 -4.15
N VAL A 71 7.70 13.92 -5.32
CA VAL A 71 7.14 12.64 -5.84
C VAL A 71 7.44 11.59 -4.78
N GLY A 72 8.66 11.46 -4.36
CA GLY A 72 8.96 10.29 -3.50
C GLY A 72 8.34 10.44 -2.13
N ALA A 73 8.40 11.62 -1.56
CA ALA A 73 7.83 11.83 -0.23
C ALA A 73 6.31 11.56 -0.27
N SER A 74 5.66 12.01 -1.33
CA SER A 74 4.24 11.72 -1.58
C SER A 74 3.97 10.22 -1.72
N LEU A 75 4.82 9.52 -2.44
CA LEU A 75 4.56 8.09 -2.66
C LEU A 75 4.68 7.40 -1.32
N PHE A 76 5.58 7.85 -0.48
CA PHE A 76 5.78 7.20 0.82
C PHE A 76 4.59 7.54 1.65
N ALA A 77 4.28 8.84 1.77
CA ALA A 77 3.26 9.30 2.74
C ALA A 77 1.91 8.88 2.27
N SER A 78 1.65 8.78 0.97
CA SER A 78 0.35 8.26 0.49
C SER A 78 0.19 6.79 0.85
N ASN A 79 1.27 6.04 1.01
CA ASN A 79 1.20 4.58 1.30
C ASN A 79 1.05 4.38 2.80
N ILE A 80 2.01 4.81 3.58
CA ILE A 80 2.08 4.57 5.06
C ILE A 80 0.92 5.22 5.81
N GLY A 81 0.06 4.45 6.42
CA GLY A 81 -1.08 4.99 7.18
C GLY A 81 -0.93 4.66 8.65
N SER A 82 -2.01 4.89 9.37
CA SER A 82 -2.20 4.42 10.76
C SER A 82 -2.23 2.88 10.78
N GLY A 83 -2.66 2.28 9.67
CA GLY A 83 -2.73 0.81 9.56
C GLY A 83 -1.35 0.18 9.57
N HIS A 84 -0.32 0.90 9.13
CA HIS A 84 1.05 0.36 9.10
C HIS A 84 1.53 0.27 10.54
N PHE A 85 1.40 1.33 11.28
CA PHE A 85 1.73 1.35 12.71
C PHE A 85 0.92 0.27 13.45
N VAL A 86 -0.40 0.20 13.26
CA VAL A 86 -1.24 -0.72 14.07
C VAL A 86 -1.03 -2.14 13.54
N GLY A 87 -1.21 -2.38 12.25
CA GLY A 87 -1.00 -3.68 11.57
C GLY A 87 0.39 -4.26 11.68
N LEU A 88 1.42 -3.57 11.23
CA LEU A 88 2.76 -4.22 11.14
C LEU A 88 3.32 -4.46 12.55
N ALA A 89 3.06 -3.60 13.52
CA ALA A 89 3.59 -3.81 14.89
C ALA A 89 2.79 -4.90 15.55
N GLY A 90 1.46 -4.92 15.37
CA GLY A 90 0.55 -6.01 15.78
C GLY A 90 1.05 -7.36 15.29
N THR A 91 1.29 -7.48 14.00
CA THR A 91 1.67 -8.77 13.37
C THR A 91 3.10 -9.08 13.76
N GLY A 92 3.91 -8.06 14.05
CA GLY A 92 5.30 -8.23 14.49
C GLY A 92 5.34 -8.89 15.85
N ALA A 93 4.48 -8.42 16.74
CA ALA A 93 4.27 -8.98 18.08
C ALA A 93 3.78 -10.40 17.93
N ALA A 94 2.81 -10.62 17.06
CA ALA A 94 2.10 -11.89 16.95
C ALA A 94 2.97 -13.00 16.34
N SER A 95 3.70 -12.69 15.29
CA SER A 95 4.28 -13.70 14.36
C SER A 95 5.73 -13.44 14.00
N GLY A 96 6.40 -12.42 14.57
CA GLY A 96 7.79 -12.05 14.28
C GLY A 96 7.92 -11.23 12.99
N LEU A 97 9.00 -11.35 12.23
CA LEU A 97 9.44 -10.25 11.34
C LEU A 97 9.20 -10.53 9.84
N ALA A 98 8.31 -11.43 9.40
CA ALA A 98 8.09 -11.66 7.95
C ALA A 98 7.03 -10.71 7.35
N VAL A 99 6.28 -10.00 8.16
CA VAL A 99 5.48 -8.89 7.62
C VAL A 99 6.32 -7.76 7.04
N ALA A 100 7.61 -7.67 7.32
CA ALA A 100 8.50 -6.76 6.54
C ALA A 100 8.48 -7.16 5.06
N GLY A 101 8.12 -8.40 4.76
CA GLY A 101 7.76 -8.85 3.42
C GLY A 101 6.96 -7.82 2.67
N PHE A 102 5.88 -7.33 3.27
CA PHE A 102 4.92 -6.40 2.61
C PHE A 102 5.70 -5.16 2.11
N GLU A 103 6.49 -4.58 2.96
CA GLU A 103 7.13 -3.27 2.68
C GLU A 103 8.31 -3.47 1.72
N TRP A 104 8.97 -4.59 1.84
CA TRP A 104 10.25 -4.77 1.12
C TRP A 104 9.94 -5.22 -0.31
N ASN A 105 8.84 -5.90 -0.53
CA ASN A 105 8.50 -6.17 -1.95
C ASN A 105 8.45 -4.88 -2.77
N ALA A 106 7.94 -3.87 -2.12
CA ALA A 106 7.80 -2.57 -2.77
C ALA A 106 9.08 -2.02 -3.36
N LEU A 107 10.26 -2.30 -2.83
CA LEU A 107 11.49 -1.69 -3.39
C LEU A 107 11.56 -2.11 -4.85
N PHE A 108 11.41 -3.38 -5.09
CA PHE A 108 11.48 -3.95 -6.45
C PHE A 108 10.31 -3.47 -7.27
N VAL A 109 9.18 -3.30 -6.66
CA VAL A 109 8.05 -2.99 -7.57
C VAL A 109 8.01 -1.46 -7.78
N VAL A 110 8.79 -0.64 -7.12
CA VAL A 110 8.70 0.83 -7.39
C VAL A 110 9.71 1.10 -8.47
N LEU A 111 10.71 0.26 -8.57
CA LEU A 111 11.55 0.31 -9.76
C LEU A 111 10.68 -0.02 -10.97
N LEU A 112 9.82 -1.02 -10.90
CA LEU A 112 8.93 -1.35 -12.05
C LEU A 112 8.17 -0.07 -12.43
N LEU A 113 7.46 0.54 -11.49
CA LEU A 113 6.72 1.80 -11.76
C LEU A 113 7.59 2.66 -12.63
N GLY A 114 8.71 3.22 -12.14
CA GLY A 114 9.52 4.17 -12.94
C GLY A 114 9.86 3.54 -14.25
N TRP A 115 10.76 2.62 -14.19
CA TRP A 115 11.45 2.20 -15.43
C TRP A 115 10.50 1.50 -16.38
N LEU A 116 9.32 1.00 -15.99
CA LEU A 116 8.58 0.22 -17.02
C LEU A 116 7.23 0.75 -17.29
N PHE A 117 6.59 1.35 -16.35
CA PHE A 117 5.15 1.59 -16.58
C PHE A 117 5.05 3.09 -16.81
N ALA A 118 5.77 3.92 -16.07
CA ALA A 118 5.53 5.36 -16.18
C ALA A 118 6.06 5.92 -17.47
N PRO A 119 7.19 5.53 -18.00
CA PRO A 119 7.45 5.78 -19.38
C PRO A 119 6.18 5.66 -20.18
N VAL A 120 5.46 4.55 -20.08
CA VAL A 120 4.36 4.38 -21.06
C VAL A 120 3.23 5.31 -20.68
N TYR A 121 2.92 5.55 -19.43
CA TYR A 121 1.73 6.38 -19.09
C TYR A 121 2.01 7.86 -19.31
N LEU A 122 3.26 8.28 -19.37
CA LEU A 122 3.58 9.69 -19.68
C LEU A 122 3.50 9.89 -21.19
N THR A 123 3.85 8.91 -21.99
CA THR A 123 3.68 9.07 -23.45
C THR A 123 2.21 8.87 -23.87
N ALA A 124 1.39 8.20 -23.10
CA ALA A 124 -0.04 7.95 -23.43
C ALA A 124 -0.86 9.22 -23.20
N GLY A 125 -0.39 10.15 -22.37
CA GLY A 125 -1.08 11.38 -22.00
C GLY A 125 -2.37 11.12 -21.26
N VAL A 126 -2.34 10.20 -20.33
CA VAL A 126 -3.55 9.74 -19.60
C VAL A 126 -3.56 10.53 -18.30
N ILE A 127 -4.73 10.80 -17.73
CA ILE A 127 -4.92 11.40 -16.39
C ILE A 127 -5.36 10.29 -15.41
N THR A 128 -6.09 9.28 -15.88
CA THR A 128 -6.54 8.11 -15.05
C THR A 128 -6.11 6.80 -15.68
N MET A 129 -6.04 5.76 -14.89
CA MET A 129 -5.56 4.42 -15.28
C MET A 129 -6.64 3.67 -16.04
N PRO A 130 -7.95 3.80 -15.72
CA PRO A 130 -8.98 3.44 -16.68
C PRO A 130 -8.90 4.10 -18.07
N GLN A 131 -8.53 5.38 -18.16
CA GLN A 131 -8.31 6.02 -19.47
C GLN A 131 -7.17 5.35 -20.28
N TYR A 132 -6.12 4.88 -19.66
CA TYR A 132 -5.07 4.18 -20.40
C TYR A 132 -5.68 2.99 -21.14
N LEU A 133 -6.53 2.21 -20.47
CA LEU A 133 -7.11 0.96 -21.02
C LEU A 133 -8.12 1.31 -22.09
N ARG A 134 -8.80 2.46 -21.97
CA ARG A 134 -9.64 3.01 -23.05
C ARG A 134 -8.76 3.25 -24.27
N LYS A 135 -7.62 3.92 -24.11
CA LYS A 135 -6.72 4.27 -25.26
C LYS A 135 -6.10 2.98 -25.83
N ARG A 136 -5.72 2.06 -24.99
CA ARG A 136 -5.00 0.82 -25.38
C ARG A 136 -5.93 -0.18 -26.09
N PHE A 137 -7.16 -0.40 -25.63
CA PHE A 137 -8.08 -1.44 -26.14
C PHE A 137 -9.27 -0.85 -26.87
N GLY A 138 -9.90 0.18 -26.33
CA GLY A 138 -10.87 0.99 -27.08
C GLY A 138 -12.33 0.69 -26.91
N GLY A 139 -12.76 -0.19 -26.01
CA GLY A 139 -14.22 -0.30 -25.77
C GLY A 139 -14.74 0.87 -24.93
N ARG A 140 -16.06 1.09 -24.84
CA ARG A 140 -16.59 1.85 -23.67
C ARG A 140 -16.48 1.06 -22.34
N ARG A 141 -16.49 -0.27 -22.34
CA ARG A 141 -16.86 -1.07 -21.15
C ARG A 141 -15.70 -1.35 -20.19
N ILE A 142 -14.47 -1.54 -20.65
CA ILE A 142 -13.31 -1.77 -19.72
C ILE A 142 -13.08 -0.54 -18.82
N ARG A 143 -13.26 0.68 -19.31
CA ARG A 143 -12.88 1.90 -18.53
C ARG A 143 -13.89 2.08 -17.40
N LEU A 144 -15.17 1.79 -17.67
CA LEU A 144 -16.24 1.90 -16.66
C LEU A 144 -16.07 0.81 -15.62
N TYR A 145 -15.76 -0.40 -16.07
CA TYR A 145 -15.62 -1.57 -15.19
C TYR A 145 -14.50 -1.27 -14.22
N LEU A 146 -13.39 -0.76 -14.74
CA LEU A 146 -12.22 -0.54 -13.88
C LEU A 146 -12.51 0.57 -12.87
N SER A 147 -13.24 1.58 -13.25
CA SER A 147 -13.54 2.70 -12.33
C SER A 147 -14.37 2.19 -11.15
N VAL A 148 -15.38 1.40 -11.42
CA VAL A 148 -16.30 0.92 -10.35
C VAL A 148 -15.56 -0.08 -9.45
N LEU A 149 -14.76 -0.99 -10.02
CA LEU A 149 -13.95 -1.92 -9.19
C LEU A 149 -12.94 -1.14 -8.34
N SER A 150 -12.28 -0.13 -8.88
CA SER A 150 -11.33 0.75 -8.17
C SER A 150 -12.00 1.46 -6.99
N LEU A 151 -13.15 2.06 -7.23
CA LEU A 151 -13.86 2.81 -6.16
C LEU A 151 -14.27 1.88 -5.00
N PHE A 152 -14.74 0.67 -5.28
CA PHE A 152 -15.07 -0.30 -4.22
C PHE A 152 -13.78 -0.72 -3.53
N LEU A 153 -12.68 -0.97 -4.25
CA LEU A 153 -11.40 -1.38 -3.58
C LEU A 153 -10.96 -0.31 -2.59
N TYR A 154 -11.18 0.96 -2.92
CA TYR A 154 -10.76 2.08 -2.05
C TYR A 154 -11.64 2.13 -0.81
N ILE A 155 -12.93 1.85 -0.91
CA ILE A 155 -13.86 1.70 0.26
C ILE A 155 -13.40 0.51 1.11
N PHE A 156 -13.19 -0.66 0.53
CA PHE A 156 -12.99 -1.92 1.30
C PHE A 156 -11.57 -2.05 1.87
N THR A 157 -10.54 -1.77 1.11
CA THR A 157 -9.15 -2.16 1.46
C THR A 157 -8.32 -0.95 1.84
N LYS A 158 -8.74 0.31 1.64
CA LYS A 158 -7.83 1.48 1.88
C LYS A 158 -8.42 2.43 2.92
N ILE A 159 -9.67 2.81 2.78
CA ILE A 159 -10.35 3.70 3.75
C ILE A 159 -10.60 2.91 5.03
N SER A 160 -11.04 1.66 4.91
CA SER A 160 -11.43 0.82 6.07
C SER A 160 -10.24 0.61 7.01
N VAL A 161 -9.05 0.34 6.47
CA VAL A 161 -7.84 0.08 7.30
C VAL A 161 -7.49 1.38 8.06
N ASP A 162 -7.63 2.54 7.45
CA ASP A 162 -7.26 3.84 8.06
C ASP A 162 -8.24 4.15 9.20
N MET A 163 -9.54 3.97 8.98
CA MET A 163 -10.59 4.21 10.01
C MET A 163 -10.44 3.23 11.18
N PHE A 164 -10.22 1.98 10.87
CA PHE A 164 -10.03 0.91 11.87
C PHE A 164 -8.82 1.18 12.76
N SER A 165 -7.67 1.46 12.15
CA SER A 165 -6.38 1.62 12.87
C SER A 165 -6.36 2.95 13.62
N GLY A 166 -6.96 3.97 13.04
CA GLY A 166 -7.23 5.20 13.79
C GLY A 166 -8.02 4.92 15.05
N ALA A 167 -9.08 4.15 14.94
CA ALA A 167 -9.96 3.85 16.07
C ALA A 167 -9.19 3.05 17.14
N VAL A 168 -8.31 2.11 16.75
CA VAL A 168 -7.41 1.38 17.72
C VAL A 168 -6.57 2.40 18.50
N PHE A 169 -5.90 3.28 17.79
CA PHE A 169 -4.92 4.19 18.39
C PHE A 169 -5.62 5.24 19.28
N ILE A 170 -6.79 5.75 18.91
CA ILE A 170 -7.62 6.68 19.75
C ILE A 170 -8.11 5.92 20.99
N GLN A 171 -8.63 4.70 20.83
CA GLN A 171 -9.22 3.92 21.97
C GLN A 171 -8.18 3.63 23.04
N GLN A 172 -6.93 3.43 22.64
CA GLN A 172 -5.86 2.96 23.55
C GLN A 172 -5.12 4.17 24.11
N ALA A 173 -4.60 5.02 23.24
CA ALA A 173 -3.72 6.14 23.61
C ALA A 173 -4.55 7.23 24.28
N LEU A 174 -5.67 7.60 23.70
CA LEU A 174 -6.44 8.80 24.09
C LEU A 174 -7.57 8.40 25.04
N GLY A 175 -8.41 7.49 24.59
CA GLY A 175 -9.60 7.02 25.32
C GLY A 175 -10.79 7.89 25.02
N TRP A 176 -10.75 8.60 23.90
CA TRP A 176 -11.90 9.38 23.41
C TRP A 176 -12.97 8.44 22.80
N ASN A 177 -14.12 8.99 22.47
CA ASN A 177 -15.20 8.25 21.77
C ASN A 177 -14.69 7.96 20.34
N ILE A 178 -14.66 6.69 19.93
CA ILE A 178 -14.08 6.27 18.60
C ILE A 178 -15.08 6.47 17.47
N TYR A 179 -16.29 7.03 17.71
CA TYR A 179 -17.19 7.48 16.62
C TYR A 179 -16.91 8.94 16.31
N ALA A 180 -17.08 9.81 17.32
CA ALA A 180 -16.90 11.28 17.25
C ALA A 180 -15.54 11.63 16.68
N SER A 181 -14.51 10.91 17.12
CA SER A 181 -13.11 11.24 16.83
C SER A 181 -12.83 10.90 15.37
N VAL A 182 -13.34 9.77 14.89
CA VAL A 182 -13.19 9.40 13.46
C VAL A 182 -13.96 10.43 12.61
N ILE A 183 -15.17 10.83 12.96
CA ILE A 183 -15.91 11.91 12.23
C ILE A 183 -15.04 13.17 12.16
N ALA A 184 -14.51 13.63 13.26
CA ALA A 184 -13.74 14.90 13.30
C ALA A 184 -12.47 14.79 12.43
N LEU A 185 -11.76 13.65 12.48
CA LEU A 185 -10.53 13.39 11.67
C LEU A 185 -10.87 13.40 10.19
N LEU A 186 -11.94 12.69 9.82
CA LEU A 186 -12.46 12.48 8.43
C LEU A 186 -12.92 13.82 7.86
N GLY A 187 -13.56 14.65 8.70
CA GLY A 187 -13.98 16.03 8.38
C GLY A 187 -12.82 16.95 8.10
N ILE A 188 -11.78 16.95 8.94
CA ILE A 188 -10.61 17.83 8.68
C ILE A 188 -9.78 17.29 7.50
N THR A 189 -9.74 15.99 7.22
CA THR A 189 -9.00 15.51 6.01
C THR A 189 -9.86 15.83 4.76
N MET A 190 -11.20 15.89 4.88
CA MET A 190 -12.10 16.45 3.83
C MET A 190 -11.65 17.86 3.46
N ILE A 191 -11.43 18.75 4.41
CA ILE A 191 -11.16 20.20 4.14
C ILE A 191 -9.76 20.33 3.53
N TYR A 192 -8.78 19.66 4.12
CA TYR A 192 -7.38 19.49 3.61
C TYR A 192 -7.37 18.91 2.18
N THR A 193 -8.32 18.05 1.81
CA THR A 193 -8.38 17.43 0.44
C THR A 193 -9.00 18.40 -0.56
N VAL A 194 -10.22 18.84 -0.34
CA VAL A 194 -10.96 19.75 -1.26
C VAL A 194 -10.25 21.11 -1.41
N THR A 195 -9.48 21.60 -0.44
CA THR A 195 -8.95 23.01 -0.47
C THR A 195 -7.85 23.18 -1.55
N GLY A 196 -6.97 22.23 -1.91
CA GLY A 196 -5.95 22.63 -2.90
C GLY A 196 -5.61 21.64 -4.01
N GLY A 197 -5.94 20.35 -3.89
CA GLY A 197 -5.58 19.36 -4.90
C GLY A 197 -4.27 18.66 -4.66
N LEU A 198 -3.87 17.97 -5.70
CA LEU A 198 -2.68 17.14 -5.63
C LEU A 198 -1.52 18.04 -5.32
N ALA A 199 -1.51 19.26 -5.78
CA ALA A 199 -0.26 20.00 -5.61
C ALA A 199 -0.04 20.16 -4.12
N ALA A 200 -1.05 20.73 -3.48
CA ALA A 200 -0.96 20.98 -2.04
C ALA A 200 -0.61 19.64 -1.41
N LEU A 201 -1.37 18.57 -1.71
CA LEU A 201 -1.20 17.32 -0.93
C LEU A 201 0.25 16.88 -1.10
N MET A 202 0.82 16.85 -2.28
CA MET A 202 2.22 16.40 -2.47
C MET A 202 3.21 17.23 -1.64
N TYR A 203 3.23 18.55 -1.80
CA TYR A 203 4.18 19.44 -1.05
C TYR A 203 3.97 19.27 0.44
N THR A 204 2.75 19.11 0.90
CA THR A 204 2.44 18.88 2.33
C THR A 204 2.98 17.53 2.75
N ASP A 205 2.85 16.54 1.88
CA ASP A 205 3.33 15.16 2.17
C ASP A 205 4.84 15.21 2.30
N THR A 206 5.51 16.24 1.84
CA THR A 206 6.95 16.30 2.12
C THR A 206 7.17 16.65 3.60
N VAL A 207 6.29 17.41 4.22
CA VAL A 207 6.29 17.72 5.68
C VAL A 207 5.89 16.45 6.43
N GLN A 208 4.81 15.82 5.99
CA GLN A 208 4.18 14.69 6.74
C GLN A 208 5.10 13.46 6.77
N THR A 209 5.85 13.20 5.72
CA THR A 209 6.96 12.24 5.73
C THR A 209 8.04 12.64 6.76
N PHE A 210 8.45 13.88 6.86
CA PHE A 210 9.46 14.27 7.89
C PHE A 210 8.91 14.01 9.32
N VAL A 211 7.65 14.36 9.59
CA VAL A 211 6.99 14.22 10.91
C VAL A 211 6.89 12.72 11.22
N ILE A 212 6.44 11.91 10.25
CA ILE A 212 6.25 10.43 10.39
C ILE A 212 7.57 9.83 10.76
N LEU A 213 8.62 10.10 9.99
CA LEU A 213 9.92 9.41 10.19
C LEU A 213 10.57 9.87 11.49
N GLY A 214 10.49 11.17 11.77
CA GLY A 214 11.02 11.77 12.99
C GLY A 214 10.48 11.14 14.24
N GLY A 215 9.16 11.09 14.36
CA GLY A 215 8.55 10.58 15.60
C GLY A 215 8.72 9.08 15.70
N ALA A 216 8.56 8.38 14.60
CA ALA A 216 8.77 6.93 14.56
C ALA A 216 10.20 6.56 14.98
N CYS A 217 11.22 7.33 14.64
CA CYS A 217 12.63 7.06 15.03
C CYS A 217 12.81 7.28 16.53
N ILE A 218 12.24 8.34 17.05
CA ILE A 218 12.23 8.63 18.51
C ILE A 218 11.58 7.46 19.27
N LEU A 219 10.44 6.93 18.82
CA LEU A 219 9.80 5.78 19.54
C LEU A 219 10.62 4.51 19.42
N MET A 220 11.20 4.25 18.25
CA MET A 220 12.12 3.11 18.03
C MET A 220 13.22 3.20 19.10
N GLY A 221 13.72 4.39 19.37
CA GLY A 221 14.85 4.64 20.27
C GLY A 221 14.52 4.27 21.69
N TYR A 222 13.38 4.72 22.14
CA TYR A 222 12.91 4.48 23.53
C TYR A 222 12.67 2.97 23.70
N ALA A 223 12.10 2.32 22.70
CA ALA A 223 11.74 0.90 22.72
C ALA A 223 13.03 0.09 22.82
N PHE A 224 13.96 0.33 21.92
CA PHE A 224 15.22 -0.45 21.87
C PHE A 224 16.04 -0.17 23.14
N HIS A 225 15.91 1.02 23.75
CA HIS A 225 16.56 1.31 25.06
C HIS A 225 15.93 0.45 26.14
N GLU A 226 14.62 0.23 26.10
CA GLU A 226 13.86 -0.45 27.19
C GLU A 226 14.23 -1.94 27.25
N VAL A 227 14.25 -2.64 26.12
CA VAL A 227 14.68 -4.07 26.02
C VAL A 227 16.20 -4.20 26.03
N GLY A 228 16.98 -3.13 25.89
CA GLY A 228 18.45 -3.16 26.10
C GLY A 228 19.23 -3.39 24.82
N GLY A 229 18.78 -2.80 23.73
CA GLY A 229 19.49 -2.73 22.45
C GLY A 229 18.87 -3.64 21.44
N TYR A 230 19.51 -3.71 20.28
CA TYR A 230 19.19 -4.67 19.19
C TYR A 230 19.51 -6.07 19.68
N SER A 231 20.56 -6.28 20.46
CA SER A 231 20.93 -7.65 20.90
C SER A 231 19.82 -8.14 21.83
N GLY A 232 19.28 -7.24 22.66
CA GLY A 232 18.22 -7.49 23.63
C GLY A 232 16.94 -7.99 22.99
N LEU A 233 16.57 -7.50 21.82
CA LEU A 233 15.34 -7.93 21.13
C LEU A 233 15.52 -9.40 20.72
N PHE A 234 16.65 -9.77 20.15
CA PHE A 234 16.84 -11.11 19.54
C PHE A 234 17.23 -12.17 20.56
N ASP A 235 17.44 -11.85 21.84
CA ASP A 235 17.69 -12.89 22.86
C ASP A 235 16.52 -12.97 23.86
N LYS A 236 15.50 -12.11 23.73
CA LYS A 236 14.36 -12.03 24.67
C LYS A 236 13.02 -12.33 24.00
N TYR A 237 12.94 -12.35 22.67
CA TYR A 237 11.65 -12.36 21.96
C TYR A 237 11.04 -13.74 22.01
N LEU A 238 11.85 -14.78 21.75
CA LEU A 238 11.37 -16.18 21.71
C LEU A 238 10.88 -16.68 23.09
N GLY A 239 11.38 -16.09 24.18
CA GLY A 239 10.89 -16.36 25.53
C GLY A 239 9.59 -15.65 25.89
N ALA A 240 9.06 -14.76 25.03
CA ALA A 240 8.05 -13.74 25.45
C ALA A 240 6.65 -14.32 25.43
N ALA A 241 6.35 -15.31 26.29
CA ALA A 241 5.06 -16.02 26.37
C ALA A 241 4.27 -15.49 27.57
N THR A 242 2.94 -15.46 27.46
CA THR A 242 2.05 -15.11 28.61
C THR A 242 2.05 -16.26 29.60
N SER A 243 1.79 -15.94 30.87
CA SER A 243 1.72 -16.90 32.01
C SER A 243 0.27 -17.24 32.34
N LEU A 244 -0.71 -16.70 31.61
CA LEU A 244 -2.17 -16.97 31.79
C LEU A 244 -2.64 -17.76 30.56
N THR A 245 -2.56 -19.10 30.64
CA THR A 245 -2.81 -20.05 29.50
C THR A 245 -3.92 -21.06 29.82
N VAL A 246 -4.73 -20.86 30.87
CA VAL A 246 -5.85 -21.78 31.25
C VAL A 246 -7.13 -20.96 31.41
N SER A 247 -8.20 -21.39 30.75
CA SER A 247 -9.52 -20.72 30.65
C SER A 247 -10.46 -21.16 31.77
N GLU A 248 -11.38 -20.27 32.13
CA GLU A 248 -12.56 -20.53 33.02
C GLU A 248 -13.74 -21.09 32.22
N ASP A 249 -13.67 -21.10 30.89
CA ASP A 249 -14.75 -21.54 29.98
C ASP A 249 -14.60 -23.05 29.72
N PRO A 250 -15.62 -23.89 29.99
CA PRO A 250 -15.64 -25.27 29.49
C PRO A 250 -15.60 -25.36 27.94
N ALA A 251 -15.06 -26.47 27.43
CA ALA A 251 -14.76 -26.73 26.00
C ALA A 251 -13.79 -25.68 25.42
N VAL A 252 -12.92 -25.11 26.26
CA VAL A 252 -11.64 -24.42 25.85
C VAL A 252 -10.50 -25.06 26.64
N GLY A 253 -10.53 -24.92 27.97
CA GLY A 253 -9.57 -25.52 28.92
C GLY A 253 -8.16 -24.98 28.72
N ASN A 254 -7.15 -25.86 28.76
CA ASN A 254 -5.72 -25.51 28.55
C ASN A 254 -5.52 -25.10 27.08
N ILE A 255 -5.11 -23.85 26.88
CA ILE A 255 -4.69 -23.27 25.57
C ILE A 255 -3.44 -24.06 25.13
N SER A 256 -3.40 -24.46 23.86
CA SER A 256 -2.29 -25.24 23.23
C SER A 256 -0.98 -24.45 23.34
N SER A 257 0.14 -25.15 23.50
CA SER A 257 1.51 -24.54 23.51
C SER A 257 1.90 -24.01 22.14
N PHE A 258 1.25 -24.43 21.07
CA PHE A 258 1.48 -23.90 19.70
C PHE A 258 1.06 -22.43 19.66
N CYS A 259 0.07 -21.98 20.44
CA CYS A 259 -0.67 -20.70 20.16
C CYS A 259 -0.45 -19.63 21.26
N TYR A 260 0.24 -19.91 22.38
CA TYR A 260 0.80 -18.84 23.26
C TYR A 260 2.31 -18.71 23.17
N ARG A 261 3.06 -19.77 22.87
CA ARG A 261 4.54 -19.65 22.68
C ARG A 261 4.78 -18.93 21.38
N PRO A 262 5.77 -18.01 21.27
CA PRO A 262 6.19 -17.42 20.00
C PRO A 262 6.65 -18.45 18.96
N ARG A 263 6.39 -18.15 17.69
CA ARG A 263 6.70 -19.03 16.55
C ARG A 263 8.19 -19.27 16.53
N PRO A 264 8.66 -20.50 16.34
CA PRO A 264 10.10 -20.76 16.45
C PRO A 264 10.84 -20.32 15.18
N ASP A 265 10.18 -19.98 14.06
CA ASP A 265 10.80 -19.24 12.92
C ASP A 265 10.53 -17.73 12.96
N SER A 266 10.41 -17.10 14.13
CA SER A 266 9.98 -15.68 14.25
C SER A 266 11.04 -14.70 13.74
N TYR A 267 12.33 -15.05 13.77
CA TYR A 267 13.40 -14.15 13.28
C TYR A 267 13.74 -14.35 11.79
N HIS A 268 12.97 -15.12 11.04
CA HIS A 268 13.27 -15.46 9.64
C HIS A 268 12.17 -14.90 8.72
N LEU A 269 12.49 -13.98 7.80
CA LEU A 269 11.62 -13.63 6.63
C LEU A 269 11.13 -14.83 5.82
N LEU A 270 12.04 -15.69 5.40
CA LEU A 270 11.74 -16.80 4.46
C LEU A 270 11.31 -17.97 5.36
N ARG A 271 10.01 -18.21 5.45
CA ARG A 271 9.36 -19.27 6.26
C ARG A 271 8.99 -20.43 5.35
N HIS A 272 8.57 -21.55 5.94
CA HIS A 272 8.40 -22.86 5.28
C HIS A 272 7.36 -22.77 4.18
N PRO A 273 7.60 -23.32 2.97
CA PRO A 273 6.68 -23.14 1.87
C PRO A 273 5.32 -23.82 1.99
N VAL A 274 5.12 -24.79 2.86
CA VAL A 274 3.79 -25.44 3.06
C VAL A 274 3.19 -25.13 4.44
N THR A 275 3.99 -24.92 5.48
CA THR A 275 3.50 -24.76 6.88
C THR A 275 3.82 -23.40 7.49
N GLY A 276 4.53 -22.53 6.78
CA GLY A 276 4.78 -21.15 7.21
C GLY A 276 3.50 -20.37 7.25
N ASP A 277 3.43 -19.40 8.16
CA ASP A 277 2.32 -18.42 8.21
C ASP A 277 2.41 -17.50 7.00
N LEU A 278 3.63 -17.15 6.56
CA LEU A 278 3.88 -16.45 5.29
C LEU A 278 4.85 -17.29 4.49
N PRO A 279 4.39 -18.24 3.66
CA PRO A 279 5.32 -19.06 2.89
C PRO A 279 6.17 -18.18 1.95
N TRP A 280 7.42 -18.53 1.76
CA TRP A 280 8.39 -17.71 1.01
C TRP A 280 8.01 -17.61 -0.48
N PRO A 281 7.49 -18.65 -1.18
CA PRO A 281 7.06 -18.47 -2.56
C PRO A 281 5.83 -17.54 -2.69
N ALA A 282 4.91 -17.71 -1.78
CA ALA A 282 3.78 -16.78 -1.60
C ALA A 282 4.29 -15.36 -1.34
N LEU A 283 5.22 -15.10 -0.42
CA LEU A 283 5.80 -13.74 -0.18
C LEU A 283 6.31 -13.22 -1.52
N LEU A 284 7.29 -13.87 -2.13
CA LEU A 284 8.07 -13.29 -3.25
C LEU A 284 7.19 -13.15 -4.52
N LEU A 285 6.66 -14.22 -5.10
CA LEU A 285 5.68 -14.11 -6.22
C LEU A 285 4.38 -13.36 -5.87
N GLY A 286 3.65 -13.85 -4.90
CA GLY A 286 2.25 -13.41 -4.70
C GLY A 286 2.22 -11.94 -4.28
N LEU A 287 3.18 -11.51 -3.48
CA LEU A 287 3.24 -10.07 -3.15
C LEU A 287 3.80 -9.30 -4.32
N THR A 288 4.68 -9.83 -5.17
CA THR A 288 5.09 -9.04 -6.36
C THR A 288 3.86 -8.80 -7.24
N ILE A 289 2.98 -9.77 -7.40
CA ILE A 289 1.73 -9.65 -8.19
C ILE A 289 0.82 -8.61 -7.58
N VAL A 290 0.52 -8.68 -6.28
CA VAL A 290 -0.50 -7.78 -5.68
C VAL A 290 0.14 -6.38 -5.54
N SER A 291 1.42 -6.30 -5.17
CA SER A 291 2.19 -5.04 -5.17
C SER A 291 2.20 -4.44 -6.56
N GLY A 292 2.30 -5.23 -7.59
CA GLY A 292 2.23 -4.70 -8.96
C GLY A 292 0.94 -3.97 -9.23
N TRP A 293 -0.23 -4.46 -8.78
CA TRP A 293 -1.50 -3.69 -8.93
C TRP A 293 -1.40 -2.39 -8.12
N TYR A 294 -0.95 -2.50 -6.88
CA TYR A 294 -0.92 -1.42 -5.88
C TYR A 294 -0.04 -0.27 -6.38
N TRP A 295 1.17 -0.60 -6.83
CA TRP A 295 2.15 0.46 -7.20
C TRP A 295 1.97 0.85 -8.66
N CYS A 296 1.78 -0.09 -9.57
CA CYS A 296 1.94 0.18 -11.01
C CYS A 296 0.63 0.34 -11.74
N SER A 297 -0.51 -0.09 -11.22
CA SER A 297 -1.82 -0.10 -11.98
C SER A 297 -2.90 0.66 -11.25
N ASP A 298 -2.55 1.37 -10.21
CA ASP A 298 -3.55 1.90 -9.28
C ASP A 298 -3.41 3.43 -9.26
N GLN A 299 -4.54 4.10 -9.37
CA GLN A 299 -4.68 5.55 -9.49
C GLN A 299 -4.07 6.24 -8.28
N VAL A 300 -4.11 5.68 -7.08
CA VAL A 300 -3.65 6.42 -5.88
C VAL A 300 -2.14 6.67 -5.95
N ILE A 301 -1.35 5.65 -6.21
CA ILE A 301 0.13 5.80 -6.41
C ILE A 301 0.45 6.44 -7.77
N VAL A 302 -0.21 6.06 -8.84
CA VAL A 302 0.23 6.47 -10.21
C VAL A 302 -0.09 7.95 -10.41
N GLN A 303 -1.14 8.52 -9.87
CA GLN A 303 -1.29 10.01 -9.90
C GLN A 303 -0.07 10.80 -9.36
N ARG A 304 0.70 10.28 -8.43
CA ARG A 304 1.98 10.91 -8.01
C ARG A 304 3.02 10.84 -9.16
N CYS A 305 2.87 9.90 -10.08
CA CYS A 305 3.80 9.65 -11.20
C CYS A 305 3.29 10.26 -12.50
N LEU A 306 2.11 10.85 -12.54
CA LEU A 306 1.62 11.63 -13.69
C LEU A 306 1.66 13.12 -13.39
N ALA A 307 2.20 13.51 -12.23
CA ALA A 307 2.31 14.93 -11.83
C ALA A 307 3.77 15.35 -11.76
N GLY A 308 4.70 14.50 -12.23
CA GLY A 308 6.14 14.81 -12.21
C GLY A 308 6.49 15.80 -13.30
N LYS A 309 7.63 16.49 -13.17
CA LYS A 309 8.09 17.48 -14.17
C LYS A 309 8.70 16.72 -15.35
N SER A 310 9.33 15.59 -15.10
CA SER A 310 9.97 14.78 -16.16
C SER A 310 10.11 13.33 -15.70
N LEU A 311 10.29 12.42 -16.65
CA LEU A 311 10.50 10.99 -16.34
C LEU A 311 11.71 10.85 -15.43
N THR A 312 12.78 11.61 -15.62
CA THR A 312 13.98 11.46 -14.73
C THR A 312 13.59 11.86 -13.32
N HIS A 313 12.74 12.86 -13.09
CA HIS A 313 12.23 13.22 -11.74
C HIS A 313 11.35 12.11 -11.20
N ILE A 314 10.59 11.40 -12.04
CA ILE A 314 9.83 10.22 -11.58
C ILE A 314 10.76 9.09 -11.14
N LYS A 315 11.80 8.80 -11.86
CA LYS A 315 12.72 7.70 -11.52
C LYS A 315 13.44 8.04 -10.20
N ALA A 316 13.90 9.27 -10.04
CA ALA A 316 14.54 9.77 -8.79
C ALA A 316 13.62 9.57 -7.60
N GLY A 317 12.32 9.82 -7.73
CA GLY A 317 11.38 9.76 -6.59
C GLY A 317 11.05 8.33 -6.32
N CYS A 318 11.13 7.51 -7.34
CA CYS A 318 10.91 6.07 -7.13
C CYS A 318 11.99 5.62 -6.17
N ILE A 319 13.23 6.01 -6.41
CA ILE A 319 14.34 5.62 -5.52
C ILE A 319 14.12 6.25 -4.15
N LEU A 320 13.73 7.51 -3.99
CA LEU A 320 13.56 8.02 -2.61
C LEU A 320 12.53 7.13 -1.93
N CYS A 321 11.38 6.90 -2.54
CA CYS A 321 10.35 6.10 -1.88
C CYS A 321 10.91 4.74 -1.50
N GLY A 322 11.63 4.10 -2.39
CA GLY A 322 12.15 2.76 -2.16
C GLY A 322 13.15 2.69 -1.06
N TYR A 323 14.04 3.66 -0.92
CA TYR A 323 14.95 3.61 0.25
C TYR A 323 14.14 3.87 1.52
N LEU A 324 13.17 4.75 1.47
CA LEU A 324 12.28 5.00 2.61
C LEU A 324 11.46 3.76 2.99
N LYS A 325 11.16 2.85 2.06
CA LYS A 325 10.27 1.69 2.36
C LYS A 325 11.06 0.53 3.05
N LEU A 326 12.32 0.69 3.38
CA LEU A 326 13.12 -0.18 4.25
C LEU A 326 12.78 0.14 5.69
N THR A 327 12.69 1.40 5.94
CA THR A 327 12.46 1.92 7.28
C THR A 327 11.35 1.17 8.04
N PRO A 328 10.16 0.87 7.49
CA PRO A 328 9.12 0.19 8.26
C PRO A 328 9.42 -1.10 9.02
N MET A 329 10.40 -1.88 8.62
CA MET A 329 10.78 -3.04 9.45
C MET A 329 11.51 -2.50 10.63
N PHE A 330 12.28 -1.47 10.48
CA PHE A 330 13.00 -1.13 11.73
C PHE A 330 12.13 -0.18 12.56
N LEU A 331 11.09 0.44 12.03
CA LEU A 331 10.30 1.46 12.80
C LEU A 331 8.92 0.98 13.22
N MET A 332 8.41 -0.14 12.71
CA MET A 332 7.06 -0.64 13.17
C MET A 332 7.13 -2.10 13.62
N VAL A 333 7.75 -2.98 12.86
CA VAL A 333 7.78 -4.44 13.12
C VAL A 333 8.62 -4.71 14.38
N MET A 334 9.84 -4.23 14.44
CA MET A 334 10.71 -4.49 15.60
C MET A 334 10.17 -3.83 16.86
N PRO A 335 9.67 -2.61 16.85
CA PRO A 335 8.95 -2.01 17.96
C PRO A 335 7.81 -2.91 18.42
N GLY A 336 7.04 -3.46 17.52
CA GLY A 336 5.98 -4.36 17.98
C GLY A 336 6.51 -5.61 18.64
N MET A 337 7.59 -6.18 18.14
CA MET A 337 8.23 -7.35 18.80
C MET A 337 8.76 -6.95 20.19
N ILE A 338 9.31 -5.74 20.35
CA ILE A 338 9.80 -5.19 21.65
C ILE A 338 8.61 -5.01 22.57
N SER A 339 7.45 -4.65 22.03
CA SER A 339 6.18 -4.58 22.77
C SER A 339 5.80 -5.96 23.31
N ARG A 340 5.94 -7.02 22.54
CA ARG A 340 5.58 -8.35 23.12
C ARG A 340 6.55 -8.73 24.25
N ILE A 341 7.79 -8.29 24.24
CA ILE A 341 8.79 -8.65 25.29
C ILE A 341 8.41 -7.86 26.52
N LEU A 342 7.91 -6.63 26.38
CA LEU A 342 7.74 -5.73 27.55
C LEU A 342 6.38 -5.94 28.22
N TYR A 343 5.32 -6.26 27.46
CA TYR A 343 3.95 -6.46 28.01
C TYR A 343 3.46 -7.81 27.52
N PRO A 344 4.11 -8.94 27.87
CA PRO A 344 3.68 -10.25 27.37
C PRO A 344 2.31 -10.68 27.90
N ASP A 345 1.95 -10.36 29.14
CA ASP A 345 0.60 -10.71 29.68
C ASP A 345 -0.53 -9.84 29.09
N GLU A 346 -0.24 -8.80 28.32
CA GLU A 346 -1.23 -7.86 27.71
C GLU A 346 -1.13 -7.93 26.19
N VAL A 347 0.07 -7.95 25.60
CA VAL A 347 0.19 -8.06 24.11
C VAL A 347 0.10 -9.52 23.69
N ALA A 348 0.65 -10.48 24.41
CA ALA A 348 0.54 -11.91 23.99
C ALA A 348 -0.54 -12.67 24.80
N CYS A 349 -1.67 -12.05 25.18
CA CYS A 349 -2.77 -12.81 25.86
C CYS A 349 -3.38 -13.79 24.84
N VAL A 350 -3.82 -14.93 25.34
CA VAL A 350 -4.57 -15.96 24.56
C VAL A 350 -5.92 -16.31 25.20
N VAL A 351 -6.15 -16.09 26.50
CA VAL A 351 -7.40 -16.56 27.16
C VAL A 351 -8.46 -15.55 26.81
N PRO A 352 -9.65 -15.99 26.35
CA PRO A 352 -10.75 -15.08 26.00
C PRO A 352 -11.11 -14.06 27.09
N GLU A 353 -11.28 -14.52 28.32
CA GLU A 353 -11.63 -13.65 29.49
C GLU A 353 -10.59 -12.52 29.64
N VAL A 354 -9.32 -12.89 29.47
CA VAL A 354 -8.17 -11.99 29.68
C VAL A 354 -8.15 -10.98 28.55
N CYS A 355 -8.36 -11.44 27.32
CA CYS A 355 -8.37 -10.60 26.10
C CYS A 355 -9.61 -9.72 26.09
N ARG A 356 -10.72 -10.15 26.69
CA ARG A 356 -11.93 -9.28 26.80
C ARG A 356 -11.64 -8.15 27.79
N ARG A 357 -10.87 -8.43 28.85
CA ARG A 357 -10.49 -7.43 29.89
C ARG A 357 -9.42 -6.48 29.34
N VAL A 358 -8.48 -6.94 28.50
CA VAL A 358 -7.27 -6.16 28.11
C VAL A 358 -7.61 -5.17 27.00
N CYS A 359 -8.20 -5.63 25.90
CA CYS A 359 -8.49 -4.82 24.68
C CYS A 359 -9.93 -4.93 24.15
N GLY A 360 -10.84 -5.62 24.85
CA GLY A 360 -12.27 -5.73 24.45
C GLY A 360 -12.50 -6.67 23.29
N THR A 361 -11.47 -7.39 22.85
CA THR A 361 -11.50 -8.33 21.71
C THR A 361 -11.18 -9.69 22.31
N GLU A 362 -12.15 -10.60 22.26
CA GLU A 362 -12.01 -11.98 22.78
C GLU A 362 -10.92 -12.72 22.00
N VAL A 363 -10.70 -12.40 20.72
CA VAL A 363 -9.84 -13.22 19.80
C VAL A 363 -8.36 -12.82 19.82
N GLY A 364 -7.90 -11.90 20.70
CA GLY A 364 -6.48 -11.53 20.81
C GLY A 364 -6.26 -10.07 21.13
N CYS A 365 -5.00 -9.60 21.35
CA CYS A 365 -4.71 -8.15 21.67
C CYS A 365 -3.42 -7.55 21.06
N SER A 366 -2.95 -8.16 20.00
CA SER A 366 -1.78 -7.72 19.22
C SER A 366 -1.89 -6.24 18.88
N ASN A 367 -3.07 -5.77 18.46
CA ASN A 367 -3.27 -4.39 17.94
C ASN A 367 -2.83 -3.30 18.92
N ILE A 368 -2.90 -3.55 20.22
CA ILE A 368 -2.48 -2.54 21.24
C ILE A 368 -0.95 -2.46 21.26
N ALA A 369 -0.23 -3.41 20.66
CA ALA A 369 1.24 -3.31 20.67
C ALA A 369 1.76 -1.89 20.43
N TYR A 370 1.63 -1.32 19.24
CA TYR A 370 2.17 0.07 19.10
C TYR A 370 1.43 0.98 20.05
N PRO A 371 0.10 1.13 19.98
CA PRO A 371 -0.56 2.00 20.92
C PRO A 371 0.00 1.92 22.34
N ARG A 372 0.35 0.74 22.89
CA ARG A 372 0.79 0.58 24.29
C ARG A 372 2.24 1.02 24.48
N LEU A 373 3.15 0.69 23.57
CA LEU A 373 4.48 1.32 23.69
C LEU A 373 4.30 2.83 23.76
N VAL A 374 3.44 3.45 22.99
CA VAL A 374 3.39 4.94 23.01
C VAL A 374 2.91 5.36 24.39
N VAL A 375 1.85 4.76 24.86
CA VAL A 375 1.21 5.26 26.12
C VAL A 375 2.04 4.85 27.35
N LYS A 376 3.05 3.98 27.25
CA LYS A 376 3.92 3.66 28.43
C LYS A 376 5.36 4.15 28.32
N LEU A 377 5.97 4.28 27.14
CA LEU A 377 7.42 4.64 27.05
C LEU A 377 7.71 6.12 26.81
N MET A 378 6.76 6.93 26.40
CA MET A 378 7.06 8.31 25.96
C MET A 378 6.90 9.30 27.10
N PRO A 379 7.80 10.30 27.26
CA PRO A 379 7.67 11.29 28.32
C PRO A 379 6.49 12.26 28.12
N ASN A 380 6.47 13.33 28.92
CA ASN A 380 5.40 14.37 28.91
C ASN A 380 5.30 15.03 27.55
N GLY A 381 6.43 15.32 26.89
CA GLY A 381 6.47 16.17 25.69
C GLY A 381 6.21 15.44 24.38
N LEU A 382 6.76 14.23 24.25
CA LEU A 382 6.83 13.44 22.99
C LEU A 382 5.57 12.59 22.78
N ARG A 383 4.68 12.43 23.76
CA ARG A 383 3.41 11.71 23.53
C ARG A 383 2.64 12.49 22.44
N GLY A 384 2.62 13.83 22.56
CA GLY A 384 2.04 14.77 21.57
C GLY A 384 2.62 14.58 20.19
N LEU A 385 3.94 14.41 20.09
CA LEU A 385 4.66 14.08 18.83
C LEU A 385 4.13 12.78 18.25
N MET A 386 3.93 11.73 19.04
CA MET A 386 3.48 10.43 18.50
C MET A 386 2.00 10.51 18.11
N LEU A 387 1.21 11.38 18.72
CA LEU A 387 -0.17 11.70 18.23
C LEU A 387 -0.04 12.41 16.87
N ALA A 388 0.91 13.33 16.72
CA ALA A 388 1.22 14.02 15.45
C ALA A 388 1.63 13.02 14.39
N VAL A 389 2.39 12.00 14.77
CA VAL A 389 2.82 10.94 13.82
C VAL A 389 1.57 10.22 13.30
N MET A 390 0.69 9.77 14.16
CA MET A 390 -0.43 8.92 13.69
C MET A 390 -1.39 9.78 12.88
N LEU A 391 -1.59 11.01 13.30
CA LEU A 391 -2.42 12.01 12.56
C LEU A 391 -1.82 12.26 11.18
N ALA A 392 -0.50 12.44 11.09
CA ALA A 392 0.19 12.69 9.80
C ALA A 392 0.00 11.50 8.85
N ALA A 393 0.21 10.30 9.33
CA ALA A 393 0.05 9.04 8.59
C ALA A 393 -1.39 8.93 8.06
N LEU A 394 -2.38 9.10 8.91
CA LEU A 394 -3.81 8.90 8.62
C LEU A 394 -4.30 9.99 7.65
N MET A 395 -3.94 11.24 7.88
CA MET A 395 -4.34 12.39 7.04
C MET A 395 -3.77 12.23 5.64
N SER A 396 -2.47 11.94 5.53
CA SER A 396 -1.81 11.79 4.22
C SER A 396 -2.47 10.69 3.37
N SER A 397 -2.82 9.57 3.97
CA SER A 397 -3.34 8.40 3.25
C SER A 397 -4.76 8.69 2.86
N LEU A 398 -5.61 9.16 3.79
CA LEU A 398 -7.04 9.42 3.45
C LEU A 398 -7.16 10.52 2.39
N ALA A 399 -6.31 11.54 2.43
CA ALA A 399 -6.36 12.63 1.45
C ALA A 399 -5.96 12.10 0.09
N SER A 400 -4.95 11.25 0.02
CA SER A 400 -4.48 10.66 -1.26
C SER A 400 -5.60 9.80 -1.86
N ILE A 401 -6.32 9.06 -1.04
CA ILE A 401 -7.47 8.24 -1.51
C ILE A 401 -8.62 9.14 -1.95
N PHE A 402 -8.98 10.16 -1.20
CA PHE A 402 -10.14 11.03 -1.55
C PHE A 402 -9.80 11.81 -2.83
N ASN A 403 -8.57 12.34 -2.97
CA ASN A 403 -8.20 13.00 -4.25
C ASN A 403 -8.22 12.00 -5.44
N SER A 404 -7.67 10.82 -5.29
CA SER A 404 -7.53 9.89 -6.44
C SER A 404 -8.91 9.39 -6.81
N SER A 405 -9.76 9.14 -5.84
CA SER A 405 -11.14 8.72 -6.16
C SER A 405 -11.91 9.88 -6.79
N SER A 406 -11.62 11.11 -6.40
CA SER A 406 -12.24 12.31 -7.01
C SER A 406 -11.97 12.31 -8.51
N THR A 407 -10.72 12.11 -8.86
CA THR A 407 -10.23 12.08 -10.25
C THR A 407 -10.84 10.95 -11.02
N LEU A 408 -10.80 9.78 -10.44
CA LEU A 408 -11.36 8.56 -11.03
C LEU A 408 -12.83 8.77 -11.38
N PHE A 409 -13.65 9.16 -10.44
CA PHE A 409 -15.10 9.40 -10.65
C PHE A 409 -15.31 10.54 -11.64
N THR A 410 -14.70 11.70 -11.41
CA THR A 410 -14.96 12.93 -12.21
C THR A 410 -14.60 12.65 -13.67
N MET A 411 -13.31 12.43 -13.95
CA MET A 411 -12.76 12.14 -15.31
C MET A 411 -13.53 10.94 -15.92
N ASP A 412 -13.53 9.73 -15.37
CA ASP A 412 -14.22 8.56 -16.00
C ASP A 412 -15.75 8.65 -15.98
N ILE A 413 -16.40 8.66 -14.85
CA ILE A 413 -17.88 8.42 -14.77
C ILE A 413 -18.63 9.70 -15.16
N TYR A 414 -18.24 10.86 -14.65
CA TYR A 414 -19.00 12.11 -14.90
C TYR A 414 -18.85 12.57 -16.35
N THR A 415 -17.77 12.22 -17.02
CA THR A 415 -17.65 12.60 -18.44
C THR A 415 -18.34 11.52 -19.30
N ARG A 416 -18.85 10.42 -18.75
CA ARG A 416 -19.70 9.52 -19.55
C ARG A 416 -21.09 10.13 -19.54
N LEU A 417 -21.55 10.58 -18.37
CA LEU A 417 -22.93 11.13 -18.18
C LEU A 417 -23.06 12.50 -18.85
N ARG A 418 -22.02 13.33 -18.83
CA ARG A 418 -22.01 14.68 -19.45
C ARG A 418 -20.71 14.86 -20.25
N PRO A 419 -20.71 14.61 -21.57
CA PRO A 419 -19.49 14.78 -22.38
C PRO A 419 -18.97 16.21 -22.55
N ARG A 420 -19.85 17.21 -22.67
CA ARG A 420 -19.49 18.62 -23.03
C ARG A 420 -19.36 19.42 -21.72
N ALA A 421 -18.52 18.92 -20.81
CA ALA A 421 -18.56 19.23 -19.37
C ALA A 421 -17.71 20.47 -19.11
N GLY A 422 -16.42 20.38 -19.40
CA GLY A 422 -15.49 21.53 -19.39
C GLY A 422 -14.94 21.81 -18.01
N ASP A 423 -13.83 22.55 -17.96
CA ASP A 423 -12.84 22.44 -16.85
C ASP A 423 -13.32 23.13 -15.59
N ARG A 424 -14.50 23.75 -15.53
CA ARG A 424 -15.00 24.43 -14.30
C ARG A 424 -15.99 23.51 -13.58
N GLU A 425 -16.97 22.99 -14.31
CA GLU A 425 -18.02 22.07 -13.76
C GLU A 425 -17.32 20.83 -13.22
N LEU A 426 -16.32 20.35 -13.92
CA LEU A 426 -15.52 19.17 -13.52
C LEU A 426 -14.85 19.42 -12.17
N LEU A 427 -14.38 20.62 -11.87
CA LEU A 427 -13.74 20.85 -10.54
C LEU A 427 -14.81 20.89 -9.45
N LEU A 428 -15.99 21.36 -9.79
CA LEU A 428 -17.08 21.43 -8.79
C LEU A 428 -17.47 19.99 -8.45
N VAL A 429 -17.61 19.15 -9.46
CA VAL A 429 -18.00 17.72 -9.29
C VAL A 429 -16.86 16.94 -8.63
N GLY A 430 -15.62 17.29 -8.89
CA GLY A 430 -14.48 16.73 -8.15
C GLY A 430 -14.52 17.04 -6.67
N ARG A 431 -14.88 18.26 -6.28
CA ARG A 431 -14.92 18.61 -4.84
C ARG A 431 -16.20 18.07 -4.20
N LEU A 432 -17.27 17.87 -4.93
CA LEU A 432 -18.50 17.30 -4.34
C LEU A 432 -18.39 15.79 -4.19
N TRP A 433 -17.59 15.11 -5.00
CA TRP A 433 -17.31 13.67 -4.79
C TRP A 433 -16.52 13.49 -3.49
N VAL A 434 -15.65 14.41 -3.11
CA VAL A 434 -14.81 14.19 -1.88
C VAL A 434 -15.77 14.19 -0.69
N VAL A 435 -16.73 15.11 -0.70
CA VAL A 435 -17.78 15.20 0.34
C VAL A 435 -18.57 13.88 0.34
N PHE A 436 -18.95 13.37 -0.80
CA PHE A 436 -19.72 12.10 -0.85
C PHE A 436 -18.90 10.91 -0.33
N ILE A 437 -17.62 10.79 -0.69
CA ILE A 437 -16.81 9.60 -0.28
C ILE A 437 -16.57 9.69 1.23
N VAL A 438 -16.44 10.89 1.81
CA VAL A 438 -16.37 11.06 3.29
C VAL A 438 -17.65 10.55 3.93
N VAL A 439 -18.80 10.98 3.48
CA VAL A 439 -20.11 10.53 4.07
C VAL A 439 -20.30 9.00 3.92
N VAL A 440 -19.96 8.40 2.78
CA VAL A 440 -20.02 6.93 2.60
C VAL A 440 -19.11 6.23 3.63
N SER A 441 -17.90 6.73 3.85
CA SER A 441 -16.95 6.13 4.83
C SER A 441 -17.49 6.23 6.26
N VAL A 442 -18.14 7.34 6.61
CA VAL A 442 -18.80 7.55 7.92
C VAL A 442 -19.84 6.46 8.10
N ALA A 443 -20.63 6.20 7.06
CA ALA A 443 -21.70 5.18 7.05
C ALA A 443 -21.10 3.77 7.16
N TRP A 444 -19.90 3.56 6.62
CA TRP A 444 -19.19 2.25 6.56
C TRP A 444 -18.38 1.97 7.85
N LEU A 445 -18.25 2.97 8.73
CA LEU A 445 -17.36 2.89 9.93
C LEU A 445 -17.87 1.83 10.89
N PRO A 446 -19.17 1.69 11.20
CA PRO A 446 -19.63 0.59 12.05
C PRO A 446 -19.39 -0.84 11.55
N VAL A 447 -19.38 -1.02 10.24
CA VAL A 447 -19.11 -2.36 9.63
C VAL A 447 -17.67 -2.72 9.90
N VAL A 448 -16.77 -1.76 9.71
CA VAL A 448 -15.32 -2.05 9.87
C VAL A 448 -15.07 -2.24 11.38
N GLN A 449 -15.82 -1.56 12.27
CA GLN A 449 -15.67 -1.74 13.74
C GLN A 449 -16.19 -3.12 14.17
N ALA A 450 -17.02 -3.77 13.36
CA ALA A 450 -17.44 -5.17 13.59
C ALA A 450 -16.28 -6.18 13.44
N ALA A 451 -15.19 -5.86 12.76
CA ALA A 451 -14.02 -6.77 12.62
C ALA A 451 -13.23 -6.69 13.91
N GLN A 452 -12.80 -7.85 14.36
CA GLN A 452 -12.52 -8.11 15.78
C GLN A 452 -11.05 -8.49 15.79
N GLY A 453 -10.21 -7.52 16.12
CA GLY A 453 -8.79 -7.74 16.40
C GLY A 453 -7.95 -7.64 15.16
N GLY A 454 -6.90 -8.45 15.09
CA GLY A 454 -5.93 -8.44 13.98
C GLY A 454 -6.39 -9.27 12.80
N GLN A 455 -7.61 -9.84 12.83
CA GLN A 455 -8.29 -10.50 11.68
C GLN A 455 -8.38 -9.54 10.50
N LEU A 456 -8.61 -8.25 10.76
CA LEU A 456 -8.91 -7.22 9.73
C LEU A 456 -7.71 -7.08 8.78
N PHE A 457 -6.49 -7.10 9.29
CA PHE A 457 -5.28 -7.02 8.45
C PHE A 457 -5.15 -8.30 7.60
N ASP A 458 -5.69 -9.43 8.04
CA ASP A 458 -5.73 -10.65 7.20
C ASP A 458 -6.83 -10.48 6.17
N TYR A 459 -7.99 -9.89 6.53
CA TYR A 459 -9.12 -9.67 5.58
C TYR A 459 -8.71 -8.78 4.40
N ILE A 460 -8.10 -7.65 4.70
CA ILE A 460 -7.71 -6.64 3.69
C ILE A 460 -6.68 -7.21 2.72
N GLN A 461 -5.68 -7.91 3.21
CA GLN A 461 -4.63 -8.50 2.33
C GLN A 461 -5.23 -9.69 1.58
N ALA A 462 -6.28 -10.30 2.06
CA ALA A 462 -6.93 -11.43 1.37
C ALA A 462 -7.79 -10.87 0.26
N VAL A 463 -8.62 -9.86 0.54
CA VAL A 463 -9.48 -9.19 -0.49
C VAL A 463 -8.60 -8.64 -1.63
N SER A 464 -7.53 -7.93 -1.31
CA SER A 464 -6.46 -7.59 -2.28
C SER A 464 -5.98 -8.79 -3.11
N SER A 465 -5.71 -9.93 -2.51
CA SER A 465 -5.15 -11.10 -3.25
C SER A 465 -6.24 -11.78 -4.04
N TYR A 466 -7.53 -11.43 -3.88
CA TYR A 466 -8.66 -12.04 -4.63
C TYR A 466 -9.18 -11.14 -5.73
N LEU A 467 -8.98 -9.83 -5.66
CA LEU A 467 -9.56 -8.87 -6.65
C LEU A 467 -8.49 -8.31 -7.58
N ALA A 468 -7.29 -8.02 -7.08
CA ALA A 468 -6.24 -7.28 -7.79
C ALA A 468 -5.51 -8.11 -8.83
N PRO A 469 -5.20 -9.43 -8.66
CA PRO A 469 -4.43 -10.14 -9.68
C PRO A 469 -5.01 -10.12 -11.09
N PRO A 470 -6.32 -10.23 -11.33
CA PRO A 470 -6.87 -9.92 -12.66
C PRO A 470 -6.52 -8.55 -13.25
N VAL A 471 -6.46 -7.52 -12.43
CA VAL A 471 -6.06 -6.17 -12.88
C VAL A 471 -4.53 -6.14 -13.17
N SER A 472 -3.70 -6.62 -12.29
CA SER A 472 -2.27 -6.88 -12.58
C SER A 472 -2.09 -7.68 -13.88
N ALA A 473 -2.92 -8.68 -14.14
CA ALA A 473 -2.74 -9.56 -15.32
C ALA A 473 -3.08 -8.82 -16.60
N VAL A 474 -3.97 -7.84 -16.57
CA VAL A 474 -4.38 -7.10 -17.79
C VAL A 474 -3.32 -6.06 -18.07
N PHE A 475 -2.95 -5.26 -17.09
CA PHE A 475 -1.96 -4.17 -17.27
C PHE A 475 -0.60 -4.67 -17.72
N VAL A 476 -0.13 -5.84 -17.30
CA VAL A 476 1.14 -6.43 -17.82
C VAL A 476 0.94 -6.86 -19.27
N LEU A 477 -0.17 -7.47 -19.65
CA LEU A 477 -0.51 -7.78 -21.06
C LEU A 477 -0.92 -6.56 -21.86
N ALA A 478 -1.38 -5.48 -21.24
CA ALA A 478 -1.82 -4.28 -22.00
C ALA A 478 -0.57 -3.49 -22.36
N LEU A 479 0.53 -3.73 -21.65
CA LEU A 479 1.70 -2.86 -21.67
C LEU A 479 2.82 -3.55 -22.42
N PHE A 480 2.96 -4.87 -22.29
CA PHE A 480 4.07 -5.70 -22.84
C PHE A 480 3.69 -6.66 -23.98
N VAL A 481 2.44 -6.94 -24.26
CA VAL A 481 2.00 -7.92 -25.30
C VAL A 481 1.01 -7.24 -26.23
N PRO A 482 1.44 -6.51 -27.27
CA PRO A 482 0.48 -5.85 -28.16
C PRO A 482 -0.51 -6.72 -28.94
N ARG A 483 -0.41 -8.07 -28.93
CA ARG A 483 -1.45 -8.92 -29.56
C ARG A 483 -2.76 -8.87 -28.78
N VAL A 484 -2.72 -8.64 -27.45
CA VAL A 484 -3.94 -8.71 -26.59
C VAL A 484 -4.90 -7.60 -27.00
N ASN A 485 -6.17 -7.92 -27.21
CA ASN A 485 -7.19 -6.97 -27.73
C ASN A 485 -8.26 -6.79 -26.68
N GLU A 486 -9.33 -6.07 -27.00
CA GLU A 486 -10.34 -5.56 -26.04
C GLU A 486 -11.15 -6.72 -25.48
N GLN A 487 -11.60 -7.65 -26.31
CA GLN A 487 -12.40 -8.83 -25.88
C GLN A 487 -11.57 -9.66 -24.90
N GLY A 488 -10.32 -9.88 -25.22
CA GLY A 488 -9.40 -10.57 -24.30
C GLY A 488 -9.29 -9.87 -22.95
N ALA A 489 -9.05 -8.57 -22.96
CA ALA A 489 -8.81 -7.80 -21.73
C ALA A 489 -10.09 -7.77 -20.91
N PHE A 490 -11.23 -7.65 -21.53
CA PHE A 490 -12.48 -7.54 -20.77
C PHE A 490 -12.84 -8.89 -20.15
N TRP A 491 -12.80 -9.97 -20.93
CA TRP A 491 -13.18 -11.31 -20.40
C TRP A 491 -12.09 -11.77 -19.44
N GLY A 492 -10.86 -11.32 -19.58
CA GLY A 492 -9.81 -11.53 -18.58
C GLY A 492 -10.20 -11.00 -17.21
N LEU A 493 -10.59 -9.73 -17.14
CA LEU A 493 -11.05 -9.07 -15.89
C LEU A 493 -12.30 -9.75 -15.32
N ILE A 494 -13.33 -10.07 -16.12
CA ILE A 494 -14.60 -10.64 -15.60
C ILE A 494 -14.39 -12.10 -15.22
N GLY A 495 -13.64 -12.91 -15.97
CA GLY A 495 -13.24 -14.27 -15.57
C GLY A 495 -12.54 -14.28 -14.23
N GLY A 496 -11.65 -13.31 -14.03
CA GLY A 496 -10.94 -13.11 -12.77
C GLY A 496 -11.89 -12.75 -11.65
N LEU A 497 -12.81 -11.81 -11.84
CA LEU A 497 -13.73 -11.44 -10.73
C LEU A 497 -14.48 -12.72 -10.38
N LEU A 498 -14.80 -13.56 -11.35
CA LEU A 498 -15.59 -14.76 -11.05
C LEU A 498 -14.75 -15.72 -10.22
N MET A 499 -13.52 -15.97 -10.59
CA MET A 499 -12.69 -16.94 -9.81
C MET A 499 -12.42 -16.38 -8.43
N GLY A 500 -12.16 -15.10 -8.36
CA GLY A 500 -11.78 -14.44 -7.12
C GLY A 500 -12.94 -14.46 -6.17
N LEU A 501 -14.11 -14.05 -6.66
CA LEU A 501 -15.34 -14.05 -5.83
C LEU A 501 -15.58 -15.46 -5.31
N ALA A 502 -15.23 -16.54 -6.02
CA ALA A 502 -15.35 -17.88 -5.41
C ALA A 502 -14.67 -17.89 -4.05
N ARG A 503 -13.37 -17.65 -4.01
CA ARG A 503 -12.72 -17.67 -2.68
C ARG A 503 -13.41 -16.68 -1.75
N LEU A 504 -13.58 -15.42 -2.10
CA LEU A 504 -14.07 -14.41 -1.14
C LEU A 504 -15.37 -14.92 -0.54
N ILE A 505 -16.34 -15.32 -1.33
CA ILE A 505 -17.68 -15.59 -0.74
C ILE A 505 -17.53 -16.81 0.14
N PRO A 506 -17.28 -18.01 -0.33
CA PRO A 506 -17.02 -19.07 0.63
C PRO A 506 -16.06 -18.78 1.80
N GLU A 507 -15.10 -17.90 1.78
CA GLU A 507 -14.35 -17.62 3.03
C GLU A 507 -15.23 -16.84 3.98
N PHE A 508 -15.63 -15.63 3.61
CA PHE A 508 -16.39 -14.75 4.53
C PHE A 508 -17.55 -15.55 5.14
N SER A 509 -18.06 -16.55 4.43
CA SER A 509 -19.12 -17.45 4.94
C SER A 509 -18.77 -18.18 6.25
N PHE A 510 -17.53 -18.60 6.49
CA PHE A 510 -17.20 -19.38 7.71
C PHE A 510 -16.40 -18.52 8.68
N GLY A 511 -16.19 -17.26 8.37
CA GLY A 511 -15.41 -16.35 9.23
C GLY A 511 -13.97 -16.82 9.40
N SER A 512 -13.31 -16.37 10.48
CA SER A 512 -11.86 -16.64 10.77
C SER A 512 -11.66 -17.43 12.07
N GLY A 513 -12.31 -17.02 13.16
CA GLY A 513 -11.98 -17.47 14.52
C GLY A 513 -10.57 -17.05 14.90
N SER A 514 -9.82 -17.94 15.56
CA SER A 514 -8.44 -17.71 16.04
C SER A 514 -7.65 -19.03 15.99
N CYS A 515 -6.44 -19.05 16.56
CA CYS A 515 -5.68 -20.29 16.84
C CYS A 515 -6.37 -21.09 17.94
N VAL A 516 -6.96 -20.39 18.92
CA VAL A 516 -7.67 -21.01 20.07
C VAL A 516 -8.98 -21.63 19.58
N GLN A 517 -9.75 -20.90 18.78
CA GLN A 517 -11.04 -21.33 18.19
C GLN A 517 -10.84 -21.38 16.68
N PRO A 518 -10.39 -22.52 16.10
CA PRO A 518 -10.30 -22.64 14.66
C PRO A 518 -11.70 -22.66 14.02
N SER A 519 -11.84 -21.96 12.91
CA SER A 519 -13.10 -21.88 12.12
C SER A 519 -13.37 -23.24 11.48
N ALA A 520 -14.55 -23.44 10.91
CA ALA A 520 -14.90 -24.75 10.33
C ALA A 520 -14.76 -24.66 8.82
N CYS A 521 -14.11 -23.60 8.31
CA CYS A 521 -13.84 -23.45 6.89
C CYS A 521 -13.18 -24.74 6.41
N PRO A 522 -13.73 -25.40 5.37
CA PRO A 522 -13.13 -26.60 4.82
C PRO A 522 -11.71 -26.23 4.36
N ALA A 523 -10.73 -27.11 4.46
CA ALA A 523 -9.29 -26.73 4.37
C ALA A 523 -8.91 -26.39 2.93
N PHE A 524 -9.31 -27.17 1.95
CA PHE A 524 -9.01 -26.83 0.54
C PHE A 524 -9.31 -25.35 0.21
N LEU A 525 -10.33 -24.75 0.81
CA LEU A 525 -10.57 -23.32 0.52
C LEU A 525 -9.50 -22.51 1.24
N CYS A 526 -9.53 -22.54 2.55
CA CYS A 526 -8.57 -21.86 3.46
C CYS A 526 -7.06 -22.24 3.36
N GLY A 527 -6.71 -23.52 3.55
CA GLY A 527 -5.34 -24.02 3.75
C GLY A 527 -4.37 -23.57 2.67
N VAL A 528 -4.87 -23.31 1.46
CA VAL A 528 -4.05 -22.59 0.44
C VAL A 528 -3.91 -21.14 0.89
N HIS A 529 -2.70 -20.63 1.12
CA HIS A 529 -2.50 -19.24 1.61
C HIS A 529 -3.07 -18.28 0.56
N TYR A 530 -3.69 -17.18 0.96
CA TYR A 530 -4.32 -16.24 -0.02
C TYR A 530 -3.27 -15.72 -1.03
N LEU A 531 -1.99 -15.58 -0.63
CA LEU A 531 -0.91 -15.14 -1.55
C LEU A 531 -0.60 -16.22 -2.57
N TYR A 532 -0.91 -17.48 -2.31
CA TYR A 532 -0.76 -18.56 -3.32
C TYR A 532 -1.93 -18.50 -4.31
N PHE A 533 -3.13 -18.26 -3.81
CA PHE A 533 -4.29 -18.07 -4.71
C PHE A 533 -4.12 -16.82 -5.58
N ALA A 534 -3.46 -15.76 -5.10
CA ALA A 534 -3.01 -14.60 -5.93
C ALA A 534 -2.24 -15.05 -7.17
N ILE A 535 -1.34 -16.02 -7.01
CA ILE A 535 -0.47 -16.46 -8.12
C ILE A 535 -1.33 -17.25 -9.10
N VAL A 536 -2.14 -18.18 -8.61
CA VAL A 536 -2.96 -19.05 -9.49
C VAL A 536 -3.94 -18.16 -10.27
N LEU A 537 -4.56 -17.23 -9.59
CA LEU A 537 -5.57 -16.33 -10.20
C LEU A 537 -4.94 -15.40 -11.25
N PHE A 538 -3.71 -14.97 -11.03
CA PHE A 538 -2.99 -14.12 -12.00
C PHE A 538 -2.77 -14.90 -13.29
N PHE A 539 -2.25 -16.12 -13.18
CA PHE A 539 -1.93 -16.99 -14.35
C PHE A 539 -3.22 -17.45 -15.01
N CYS A 540 -4.30 -17.63 -14.27
CA CYS A 540 -5.60 -17.99 -14.89
C CYS A 540 -6.22 -16.81 -15.65
N SER A 541 -6.17 -15.58 -15.12
CA SER A 541 -6.62 -14.35 -15.82
C SER A 541 -5.76 -14.10 -17.06
N GLY A 542 -4.45 -14.26 -16.92
CA GLY A 542 -3.50 -14.13 -18.03
C GLY A 542 -3.84 -15.11 -19.13
N LEU A 543 -4.07 -16.36 -18.78
CA LEU A 543 -4.27 -17.43 -19.78
C LEU A 543 -5.60 -17.19 -20.49
N LEU A 544 -6.63 -16.78 -19.77
CA LEU A 544 -7.97 -16.47 -20.33
C LEU A 544 -7.89 -15.27 -21.28
N THR A 545 -7.19 -14.20 -20.86
CA THR A 545 -7.02 -12.96 -21.66
C THR A 545 -6.30 -13.30 -22.96
N LEU A 546 -5.17 -13.99 -22.86
CA LEU A 546 -4.39 -14.45 -24.04
C LEU A 546 -5.26 -15.37 -24.91
N THR A 547 -6.05 -16.27 -24.35
CA THR A 547 -6.80 -17.26 -25.16
C THR A 547 -7.92 -16.56 -25.94
N VAL A 548 -8.69 -15.71 -25.28
CA VAL A 548 -9.78 -14.94 -25.94
C VAL A 548 -9.19 -13.92 -26.93
N SER A 549 -8.04 -13.33 -26.60
CA SER A 549 -7.31 -12.45 -27.53
C SER A 549 -6.95 -13.23 -28.79
N LEU A 550 -6.42 -14.44 -28.63
CA LEU A 550 -5.76 -15.14 -29.77
C LEU A 550 -6.86 -15.72 -30.68
N CYS A 551 -8.07 -15.96 -30.17
CA CYS A 551 -9.21 -16.41 -31.00
C CYS A 551 -9.73 -15.24 -31.84
N THR A 552 -9.88 -14.04 -31.24
CA THR A 552 -10.56 -12.85 -31.86
C THR A 552 -9.53 -12.03 -32.66
N ALA A 553 -9.96 -11.18 -33.60
CA ALA A 553 -9.05 -10.48 -34.55
C ALA A 553 -8.27 -9.38 -33.82
N PRO A 554 -6.99 -9.12 -34.17
CA PRO A 554 -6.13 -8.20 -33.39
C PRO A 554 -6.37 -6.70 -33.65
N ILE A 555 -5.67 -5.86 -32.86
CA ILE A 555 -5.59 -4.38 -33.00
C ILE A 555 -4.32 -4.05 -33.77
N PRO A 556 -4.38 -3.36 -34.93
CA PRO A 556 -3.17 -3.08 -35.70
C PRO A 556 -2.33 -1.95 -35.07
N ARG A 557 -1.08 -1.77 -35.53
CA ARG A 557 -0.09 -0.88 -34.85
C ARG A 557 -0.44 0.60 -35.04
N LYS A 558 -1.12 0.98 -36.12
CA LYS A 558 -1.59 2.38 -36.32
C LYS A 558 -2.51 2.83 -35.18
N HIS A 559 -3.15 1.91 -34.45
CA HIS A 559 -3.99 2.18 -33.27
C HIS A 559 -3.19 2.20 -31.95
N LEU A 560 -1.87 1.96 -31.95
CA LEU A 560 -1.15 1.54 -30.70
C LEU A 560 0.09 2.36 -30.36
N HIS A 561 0.43 3.40 -31.10
CA HIS A 561 1.71 4.15 -30.90
C HIS A 561 1.72 4.85 -29.54
N ARG A 562 2.84 4.79 -28.86
CA ARG A 562 3.06 5.50 -27.56
C ARG A 562 2.09 5.00 -26.47
N LEU A 563 1.58 3.78 -26.58
CA LEU A 563 0.64 3.22 -25.58
C LEU A 563 1.05 1.78 -25.22
N VAL A 564 2.18 1.30 -25.73
CA VAL A 564 2.70 -0.06 -25.48
C VAL A 564 4.16 0.16 -25.15
N PHE A 565 4.77 -0.66 -24.31
CA PHE A 565 6.20 -0.45 -23.93
C PHE A 565 7.14 -0.50 -25.16
N SER A 566 6.90 -1.39 -26.12
CA SER A 566 7.57 -1.46 -27.46
C SER A 566 7.57 -0.12 -28.22
N LEU A 567 6.46 0.62 -28.18
CA LEU A 567 6.20 1.79 -29.06
C LEU A 567 6.21 3.11 -28.26
N ARG A 568 6.85 3.15 -27.08
CA ARG A 568 6.90 4.39 -26.28
C ARG A 568 7.85 5.42 -26.93
N HIS A 569 8.70 5.02 -27.86
CA HIS A 569 9.46 5.95 -28.74
C HIS A 569 9.00 5.72 -30.16
N SER A 570 7.99 6.44 -30.63
CA SER A 570 7.37 6.11 -31.95
C SER A 570 7.49 7.28 -32.94
N LYS A 571 7.07 8.50 -32.57
CA LYS A 571 6.97 9.67 -33.48
C LYS A 571 5.89 9.49 -34.58
N GLU A 572 5.28 8.31 -34.80
CA GLU A 572 4.27 8.07 -35.86
C GLU A 572 2.87 8.50 -35.39
N GLU A 573 1.97 8.75 -36.33
CA GLU A 573 0.63 9.32 -36.05
C GLU A 573 -0.28 8.15 -35.66
N ARG A 574 -0.57 8.03 -34.36
CA ARG A 574 -1.55 7.10 -33.77
C ARG A 574 -2.92 7.43 -34.34
N GLU A 575 -3.76 6.40 -34.47
CA GLU A 575 -5.20 6.52 -34.83
C GLU A 575 -5.97 6.09 -33.59
N ASP A 576 -6.72 7.02 -32.99
CA ASP A 576 -7.32 6.81 -31.64
C ASP A 576 -8.49 5.83 -31.78
N LEU A 577 -8.46 4.72 -31.06
CA LEU A 577 -9.61 3.80 -30.86
C LEU A 577 -10.72 4.59 -30.13
N ASP A 578 -10.34 5.44 -29.17
CA ASP A 578 -11.14 6.60 -28.67
C ASP A 578 -11.21 7.69 -29.76
N ALA A 641 1.62 19.90 -25.23
CA ALA A 641 0.83 19.03 -26.15
C ALA A 641 1.67 17.84 -26.63
N ARG A 642 2.73 18.10 -27.40
CA ARG A 642 3.77 17.13 -27.84
C ARG A 642 4.96 17.16 -26.86
N ARG A 643 5.01 18.10 -25.91
CA ARG A 643 6.10 18.24 -24.90
C ARG A 643 5.88 17.26 -23.74
N LEU A 644 4.67 16.73 -23.54
CA LEU A 644 4.38 15.59 -22.64
C LEU A 644 4.70 14.26 -23.34
N GLU A 645 4.49 14.16 -24.65
CA GLU A 645 4.75 12.94 -25.46
C GLU A 645 6.24 12.54 -25.36
N ASP A 646 7.15 13.51 -25.16
CA ASP A 646 8.62 13.30 -25.19
C ASP A 646 9.13 12.86 -23.82
N ILE A 647 9.67 11.64 -23.73
CA ILE A 647 10.24 11.06 -22.48
C ILE A 647 11.76 10.83 -22.61
N SER A 648 12.43 11.53 -23.51
CA SER A 648 13.90 11.55 -23.62
C SER A 648 14.45 12.25 -22.38
N GLU A 649 15.37 11.62 -21.62
CA GLU A 649 16.10 12.34 -20.55
C GLU A 649 17.55 12.57 -20.97
N ASP A 650 18.17 13.57 -20.32
CA ASP A 650 19.60 13.93 -20.40
C ASP A 650 20.40 12.67 -20.07
N PRO A 651 21.36 12.19 -20.90
CA PRO A 651 22.00 10.92 -20.59
C PRO A 651 22.86 10.93 -19.30
N SER A 652 23.40 12.08 -18.87
CA SER A 652 24.10 12.23 -17.56
C SER A 652 23.13 11.94 -16.41
N TRP A 653 21.98 12.59 -16.38
CA TRP A 653 20.98 12.37 -15.30
C TRP A 653 20.35 10.99 -15.39
N ALA A 654 20.19 10.45 -16.60
CA ALA A 654 19.77 9.05 -16.77
C ALA A 654 20.80 8.18 -16.12
N ARG A 655 22.08 8.41 -16.40
CA ARG A 655 23.20 7.60 -15.83
C ARG A 655 23.05 7.53 -14.31
N VAL A 656 22.81 8.67 -13.69
CA VAL A 656 22.75 8.82 -12.22
C VAL A 656 21.55 8.02 -11.69
N VAL A 657 20.31 8.21 -12.15
CA VAL A 657 19.13 7.43 -11.65
C VAL A 657 19.29 5.93 -11.97
N ASN A 658 19.89 5.56 -13.10
CA ASN A 658 20.16 4.13 -13.38
C ASN A 658 21.16 3.52 -12.38
N LEU A 659 22.20 4.23 -11.97
CA LEU A 659 23.19 3.66 -11.02
C LEU A 659 22.61 3.67 -9.62
N ASN A 660 21.83 4.67 -9.22
CA ASN A 660 21.21 4.66 -7.86
C ASN A 660 20.16 3.56 -7.77
N ALA A 661 19.50 3.16 -8.87
CA ALA A 661 18.50 2.08 -8.81
C ALA A 661 19.24 0.77 -8.50
N LEU A 662 20.44 0.57 -9.02
CA LEU A 662 21.10 -0.74 -8.92
C LEU A 662 21.65 -0.81 -7.52
N LEU A 663 22.12 0.32 -7.01
CA LEU A 663 22.61 0.37 -5.61
C LEU A 663 21.46 0.09 -4.63
N MET A 664 20.29 0.69 -4.85
CA MET A 664 19.09 0.55 -4.01
C MET A 664 18.62 -0.90 -4.03
N MET A 665 18.67 -1.56 -5.19
CA MET A 665 18.37 -3.01 -5.32
C MET A 665 19.39 -3.81 -4.54
N ALA A 666 20.67 -3.48 -4.63
CA ALA A 666 21.76 -4.24 -3.95
C ALA A 666 21.57 -4.19 -2.43
N VAL A 667 21.19 -3.04 -1.90
CA VAL A 667 20.95 -2.84 -0.45
C VAL A 667 19.70 -3.62 -0.05
N ALA A 668 18.63 -3.55 -0.83
CA ALA A 668 17.41 -4.34 -0.57
C ALA A 668 17.75 -5.82 -0.52
N VAL A 669 18.47 -6.32 -1.51
CA VAL A 669 18.85 -7.75 -1.59
C VAL A 669 19.76 -8.14 -0.42
N PHE A 670 20.71 -7.29 -0.03
CA PHE A 670 21.54 -7.57 1.16
C PHE A 670 20.66 -7.72 2.40
N LEU A 671 19.73 -6.79 2.64
CA LEU A 671 18.81 -6.86 3.82
C LEU A 671 17.88 -8.06 3.74
N TRP A 672 17.43 -8.49 2.57
CA TRP A 672 16.60 -9.71 2.46
C TRP A 672 17.46 -10.91 2.82
N GLY A 673 18.74 -10.92 2.41
CA GLY A 673 19.67 -12.00 2.77
C GLY A 673 19.89 -12.10 4.27
N PHE A 674 20.14 -10.94 4.90
CA PHE A 674 20.44 -10.80 6.33
C PHE A 674 19.37 -11.49 7.17
N TYR A 675 18.08 -11.22 6.91
CA TYR A 675 16.92 -11.76 7.68
C TYR A 675 16.25 -12.98 7.01
N ALA A 676 16.75 -13.55 5.93
CA ALA A 676 16.16 -14.75 5.30
C ALA A 676 16.54 -15.97 6.14
N GLN B 28 25.89 -17.44 9.85
CA GLN B 28 26.21 -16.00 10.00
C GLN B 28 25.25 -15.22 9.11
N PRO B 29 24.50 -14.18 9.57
CA PRO B 29 23.68 -13.36 8.67
C PRO B 29 24.39 -12.55 7.57
N TRP B 30 25.59 -12.06 7.87
CA TRP B 30 26.37 -11.17 6.98
C TRP B 30 26.71 -11.95 5.71
N MET B 31 27.12 -13.21 5.84
CA MET B 31 27.42 -14.10 4.68
C MET B 31 26.15 -14.31 3.83
N GLN B 32 24.98 -14.48 4.46
CA GLN B 32 23.70 -14.67 3.72
C GLN B 32 23.43 -13.42 2.89
N GLY B 33 23.57 -12.25 3.50
CA GLY B 33 23.46 -10.95 2.81
C GLY B 33 24.39 -10.83 1.63
N LEU B 34 25.69 -11.11 1.80
CA LEU B 34 26.68 -10.99 0.71
C LEU B 34 26.42 -12.03 -0.40
N ILE B 35 26.07 -13.27 -0.08
CA ILE B 35 25.70 -14.28 -1.11
C ILE B 35 24.48 -13.77 -1.91
N ALA B 36 23.52 -13.13 -1.25
CA ALA B 36 22.30 -12.60 -1.91
C ALA B 36 22.73 -11.55 -2.94
N VAL B 37 23.60 -10.63 -2.53
CA VAL B 37 24.10 -9.52 -3.38
C VAL B 37 24.93 -10.12 -4.51
N ALA B 38 25.80 -11.09 -4.23
CA ALA B 38 26.62 -11.78 -5.26
C ALA B 38 25.74 -12.38 -6.36
N VAL B 39 24.74 -13.18 -6.00
CA VAL B 39 23.79 -13.79 -6.98
C VAL B 39 23.02 -12.67 -7.71
N PHE B 40 22.72 -11.55 -7.05
CA PHE B 40 22.02 -10.40 -7.69
C PHE B 40 22.92 -9.74 -8.75
N LEU B 41 24.19 -9.53 -8.46
CA LEU B 41 25.15 -8.94 -9.43
C LEU B 41 25.40 -9.92 -10.60
N VAL B 42 25.38 -11.23 -10.35
CA VAL B 42 25.37 -12.27 -11.41
C VAL B 42 24.14 -12.07 -12.29
N LEU B 43 22.95 -11.93 -11.72
CA LEU B 43 21.70 -11.79 -12.53
C LEU B 43 21.71 -10.47 -13.32
N VAL B 44 22.25 -9.38 -12.79
CA VAL B 44 22.23 -8.09 -13.54
C VAL B 44 23.29 -8.16 -14.64
N ALA B 45 24.41 -8.85 -14.43
CA ALA B 45 25.40 -9.15 -15.50
C ALA B 45 24.75 -9.99 -16.60
N ILE B 46 23.89 -10.96 -16.24
CA ILE B 46 23.13 -11.78 -17.23
C ILE B 46 22.16 -10.87 -17.99
N ALA B 47 21.52 -9.89 -17.33
CA ALA B 47 20.56 -8.97 -17.99
C ALA B 47 21.29 -8.12 -19.05
N PHE B 48 22.47 -7.61 -18.70
CA PHE B 48 23.33 -6.85 -19.65
C PHE B 48 23.77 -7.78 -20.80
N ALA B 49 24.09 -9.04 -20.52
CA ALA B 49 24.49 -10.01 -21.57
C ALA B 49 23.31 -10.21 -22.52
N VAL B 50 22.12 -10.52 -21.99
CA VAL B 50 20.98 -10.99 -22.84
C VAL B 50 20.52 -9.83 -23.72
N ASN B 51 20.34 -8.61 -23.18
CA ASN B 51 19.88 -7.45 -24.00
C ASN B 51 20.99 -6.99 -24.97
N HIS B 52 22.29 -7.13 -24.64
CA HIS B 52 23.41 -6.73 -25.53
C HIS B 52 23.50 -7.65 -26.76
N PHE B 53 23.29 -8.95 -26.60
CA PHE B 53 23.32 -9.94 -27.72
C PHE B 53 21.94 -10.11 -28.37
N TRP B 54 20.81 -9.81 -27.72
CA TRP B 54 19.45 -10.16 -28.24
C TRP B 54 18.55 -8.94 -28.52
N CYS B 55 18.91 -7.70 -28.18
CA CYS B 55 18.09 -6.47 -28.52
C CYS B 55 18.75 -5.69 -29.67
N GLN B 56 20.08 -5.56 -29.67
CA GLN B 56 20.87 -5.12 -30.86
C GLN B 56 21.19 -6.38 -31.69
#